data_3NF3
#
_entry.id   3NF3
#
_cell.length_a   56.100
_cell.length_b   189.600
_cell.length_c   41.510
_cell.angle_alpha   90.00
_cell.angle_beta   90.00
_cell.angle_gamma   90.00
#
_symmetry.space_group_name_H-M   'P 21 21 2'
#
loop_
_entity.id
_entity.type
_entity.pdbx_description
1 polymer BoNT/A
2 polymer 'JTH-NB72-39 inhibitor'
3 non-polymer 'ZINC ION'
4 non-polymer 'NICKEL (II) ION'
5 water water
#
loop_
_entity_poly.entity_id
_entity_poly.type
_entity_poly.pdbx_seq_one_letter_code
_entity_poly.pdbx_strand_id
1 'polypeptide(L)'
;MPFVNKQFNYKDPVNGVDIAYIKIPNAGQMQPVKAFKIHNKIWVIPERDTFTNPEEGDLNPPPEAKQVPVSYYDSTYLST
DNEKDNYLKGVTKLFERIYSTDLGRMLLTSIVRGIPFWGGSTIDTELKVIDTNCINVIQPDGSYRSEELNLVIIGPSADI
IQFECKSFGHEVLNLTRNGYGSTQYIRFSPDFTFGFEESLEVDTNPLLGAGKFATDPAVTLAHELIHAGHRLYGIAINPN
RVFKVNTNAYYEMSGLEVSFEELRTFGGHDAKFIDSLQENEFRLYYYNKFKDIASTLNKAKSIVGTTASLQYMKNVFKEK
YLLSEDTSGKFSVDKLKFDKLYKMLTEIYTEDNFVKFFKVLNRKTYLNFDKAVFKINIVPKVNYTIYDGFNLRNTNLAAN
FNGQNTEINNMNFTKLKNFTPLVPR
;
A
2 'polypeptide(L)' RRF(AIB)AMLA C
#
loop_
_chem_comp.id
_chem_comp.type
_chem_comp.name
_chem_comp.formula
NI non-polymer 'NICKEL (II) ION' 'Ni 2'
ZN non-polymer 'ZINC ION' 'Zn 2'
#
# COMPACT_ATOMS: atom_id res chain seq x y z
N MET A 1 1.37 -15.36 12.06
CA MET A 1 1.17 -14.25 13.00
C MET A 1 -0.32 -13.98 13.20
N PRO A 2 -0.66 -13.32 14.33
CA PRO A 2 -1.98 -12.70 14.47
C PRO A 2 -1.99 -11.47 13.54
N PHE A 3 -0.95 -11.44 12.72
CA PHE A 3 -0.52 -10.32 11.86
C PHE A 3 0.20 -9.16 12.52
N VAL A 4 -0.52 -8.28 13.22
CA VAL A 4 0.14 -7.24 13.99
C VAL A 4 0.55 -7.85 15.34
N ASN A 5 1.83 -7.75 15.67
CA ASN A 5 2.40 -8.48 16.80
C ASN A 5 2.19 -7.85 18.18
N LYS A 6 1.52 -6.71 18.23
CA LYS A 6 1.24 -6.08 19.52
C LYS A 6 0.35 -4.85 19.39
N GLN A 7 -0.30 -4.50 20.49
CA GLN A 7 -1.17 -3.32 20.51
C GLN A 7 -0.37 -2.08 20.86
N PHE A 8 0.17 -1.40 19.86
CA PHE A 8 0.95 -0.19 20.08
C PHE A 8 0.08 0.97 20.56
N ASN A 9 0.60 1.72 21.52
CA ASN A 9 0.06 3.03 21.83
C ASN A 9 1.09 4.02 21.34
N TYR A 10 0.66 5.17 20.86
CA TYR A 10 1.61 6.12 20.31
C TYR A 10 2.64 6.57 21.35
N LYS A 11 2.23 6.55 22.62
CA LYS A 11 3.10 6.99 23.71
C LYS A 11 4.01 5.88 24.23
N ASP A 12 3.86 4.66 23.71
CA ASP A 12 4.76 3.58 24.06
C ASP A 12 6.21 4.02 23.86
N PRO A 13 7.08 3.68 24.81
CA PRO A 13 8.52 4.02 24.76
C PRO A 13 9.21 3.40 23.56
N VAL A 14 10.09 4.16 22.91
CA VAL A 14 10.89 3.62 21.83
C VAL A 14 11.78 2.51 22.37
N ASN A 15 12.06 1.52 21.54
CA ASN A 15 12.95 0.44 21.91
C ASN A 15 13.97 0.17 20.82
N GLY A 16 13.97 1.03 19.81
CA GLY A 16 14.92 0.93 18.71
C GLY A 16 14.72 -0.28 17.82
N VAL A 17 13.74 -1.12 18.15
CA VAL A 17 13.46 -2.31 17.37
C VAL A 17 12.14 -2.24 16.60
N ASP A 18 11.03 -2.07 17.31
CA ASP A 18 9.75 -1.93 16.62
C ASP A 18 9.00 -0.64 17.00
N ILE A 19 9.56 0.10 17.94
CA ILE A 19 9.16 1.47 18.17
C ILE A 19 10.41 2.34 18.19
N ALA A 20 10.54 3.24 17.21
CA ALA A 20 11.74 4.05 17.11
C ALA A 20 11.53 5.35 16.34
N TYR A 21 12.52 6.23 16.42
CA TYR A 21 12.56 7.42 15.58
C TYR A 21 13.38 7.15 14.32
N ILE A 22 12.87 7.62 13.19
CA ILE A 22 13.49 7.30 11.91
C ILE A 22 13.55 8.52 11.00
N LYS A 23 14.37 8.40 9.95
CA LYS A 23 14.34 9.32 8.83
C LYS A 23 13.90 8.60 7.54
N ILE A 24 13.19 9.33 6.68
CA ILE A 24 12.85 8.82 5.36
C ILE A 24 13.60 9.59 4.28
N PRO A 25 14.58 8.94 3.65
CA PRO A 25 15.37 9.57 2.59
C PRO A 25 14.69 10.83 2.05
N ASN A 26 15.26 12.00 2.34
CA ASN A 26 14.71 13.26 1.88
C ASN A 26 15.40 13.76 0.63
N GLN A 29 17.38 18.17 5.05
CA GLN A 29 17.32 17.31 6.22
C GLN A 29 15.98 17.40 6.93
N MET A 30 15.58 16.31 7.56
CA MET A 30 14.34 16.26 8.33
C MET A 30 14.66 15.86 9.76
N GLN A 31 13.86 16.34 10.71
CA GLN A 31 13.96 15.85 12.08
C GLN A 31 13.32 14.47 12.12
N PRO A 32 13.83 13.59 13.00
CA PRO A 32 13.30 12.23 13.07
C PRO A 32 11.84 12.23 13.49
N VAL A 33 11.11 11.18 13.13
CA VAL A 33 9.74 11.02 13.58
C VAL A 33 9.54 9.62 14.17
N LYS A 34 8.56 9.50 15.05
CA LYS A 34 8.28 8.23 15.71
C LYS A 34 7.53 7.31 14.76
N ALA A 35 8.08 6.11 14.56
CA ALA A 35 7.47 5.11 13.69
C ALA A 35 7.24 3.81 14.43
N PHE A 36 6.45 2.93 13.84
CA PHE A 36 6.06 1.70 14.50
C PHE A 36 6.08 0.55 13.52
N LYS A 37 6.90 -0.45 13.79
CA LYS A 37 6.89 -1.63 12.96
C LYS A 37 5.79 -2.56 13.45
N ILE A 38 4.72 -2.66 12.67
CA ILE A 38 3.57 -3.45 13.07
C ILE A 38 3.70 -4.87 12.57
N HIS A 39 4.72 -5.10 11.75
CA HIS A 39 4.96 -6.39 11.15
C HIS A 39 6.28 -6.35 10.40
N ASN A 40 6.91 -7.50 10.27
CA ASN A 40 8.11 -7.60 9.47
C ASN A 40 7.94 -6.82 8.17
N LYS A 41 8.87 -5.91 7.92
CA LYS A 41 8.91 -5.14 6.68
C LYS A 41 7.84 -4.03 6.58
N ILE A 42 6.95 -3.95 7.56
CA ILE A 42 5.85 -2.99 7.48
C ILE A 42 5.82 -1.97 8.63
N TRP A 43 5.99 -0.70 8.29
CA TRP A 43 6.02 0.37 9.29
C TRP A 43 4.89 1.35 9.13
N VAL A 44 4.51 1.97 10.24
CA VAL A 44 3.49 3.01 10.24
C VAL A 44 4.04 4.30 10.84
N ILE A 45 3.99 5.37 10.07
CA ILE A 45 4.40 6.68 10.56
C ILE A 45 3.19 7.59 10.68
N PRO A 46 2.69 7.76 11.91
CA PRO A 46 1.50 8.55 12.23
C PRO A 46 1.77 10.06 12.14
N GLU A 47 2.23 10.52 10.98
CA GLU A 47 2.51 11.94 10.76
C GLU A 47 2.03 12.35 9.39
N ARG A 48 1.68 13.62 9.24
CA ARG A 48 1.33 14.15 7.93
C ARG A 48 2.57 14.07 7.04
N ASP A 49 2.39 13.59 5.81
CA ASP A 49 3.52 13.39 4.92
C ASP A 49 4.01 14.70 4.30
N THR A 50 4.98 15.33 4.95
CA THR A 50 5.59 16.54 4.42
C THR A 50 7.05 16.31 4.07
N PHE A 51 7.41 15.07 3.73
CA PHE A 51 8.79 14.73 3.43
C PHE A 51 8.95 14.17 2.02
N THR A 52 8.31 13.02 1.78
CA THR A 52 8.44 12.25 0.55
C THR A 52 8.35 13.07 -0.74
N ASN A 53 7.86 14.30 -0.63
CA ASN A 53 7.80 15.20 -1.79
C ASN A 53 8.33 16.57 -1.44
N PRO A 54 9.31 17.06 -2.23
CA PRO A 54 9.84 18.42 -2.05
C PRO A 54 8.77 19.46 -2.36
N GLU A 55 8.01 19.22 -3.43
CA GLU A 55 6.92 20.11 -3.83
C GLU A 55 5.70 19.93 -2.92
N GLU A 56 5.86 19.14 -1.86
CA GLU A 56 4.78 18.92 -0.90
C GLU A 56 5.28 18.92 0.55
N GLY A 57 5.73 20.09 1.00
CA GLY A 57 6.19 20.23 2.37
C GLY A 57 5.39 21.27 3.14
N ASP A 58 4.10 21.38 2.82
CA ASP A 58 3.23 22.35 3.49
C ASP A 58 1.84 21.75 3.71
N LEU A 59 1.02 22.43 4.51
CA LEU A 59 -0.33 21.95 4.83
C LEU A 59 -1.38 23.06 4.63
N PRO A 61 -3.69 24.34 2.42
CA PRO A 61 -4.47 24.25 1.18
C PRO A 61 -4.04 25.30 0.17
N PRO A 62 -3.69 24.87 -1.04
CA PRO A 62 -3.25 25.76 -2.13
C PRO A 62 -4.40 26.60 -2.69
N PRO A 63 -4.07 27.75 -3.29
CA PRO A 63 -5.01 28.74 -3.84
C PRO A 63 -6.12 28.16 -4.70
N GLU A 64 -5.79 27.25 -5.61
CA GLU A 64 -6.79 26.74 -6.55
C GLU A 64 -7.27 25.35 -6.17
N ALA A 65 -7.16 25.02 -4.89
CA ALA A 65 -7.55 23.70 -4.38
C ALA A 65 -8.95 23.31 -4.80
N LYS A 66 -9.16 22.01 -5.02
CA LYS A 66 -10.49 21.51 -5.32
C LYS A 66 -11.30 21.44 -4.03
N GLN A 67 -12.61 21.26 -4.16
CA GLN A 67 -13.48 21.25 -3.00
C GLN A 67 -13.87 19.82 -2.63
N VAL A 68 -14.55 19.69 -1.50
CA VAL A 68 -15.22 18.46 -1.13
C VAL A 68 -16.16 18.07 -2.27
N PRO A 69 -16.24 16.76 -2.58
CA PRO A 69 -15.54 15.66 -1.92
C PRO A 69 -14.32 15.15 -2.69
N VAL A 70 -13.73 15.97 -3.53
CA VAL A 70 -12.51 15.58 -4.23
C VAL A 70 -11.30 15.74 -3.30
N SER A 71 -11.15 16.94 -2.75
CA SER A 71 -10.08 17.24 -1.82
C SER A 71 -10.67 17.73 -0.50
N TYR A 72 -9.84 17.74 0.54
CA TYR A 72 -10.23 18.27 1.84
C TYR A 72 -9.00 18.68 2.61
N TYR A 73 -9.06 19.85 3.23
CA TYR A 73 -7.90 20.41 3.91
C TYR A 73 -8.17 20.74 5.37
N ASP A 74 -7.13 20.58 6.19
CA ASP A 74 -7.20 20.84 7.62
C ASP A 74 -5.80 20.61 8.18
N SER A 75 -5.01 21.68 8.20
CA SER A 75 -3.63 21.61 8.64
C SER A 75 -3.49 21.17 10.09
N THR A 76 -4.62 21.11 10.79
CA THR A 76 -4.65 20.73 12.19
C THR A 76 -4.66 19.20 12.38
N TYR A 77 -5.07 18.48 11.35
CA TYR A 77 -5.25 17.04 11.47
C TYR A 77 -3.94 16.27 11.67
N LEU A 78 -3.94 15.36 12.64
CA LEU A 78 -2.76 14.58 13.00
C LEU A 78 -1.63 15.39 13.63
N SER A 79 -1.98 16.34 14.50
CA SER A 79 -0.96 17.22 15.08
C SER A 79 -0.81 17.04 16.58
N THR A 80 -1.69 16.25 17.18
CA THR A 80 -1.59 15.94 18.60
C THR A 80 -1.30 14.44 18.78
N ASP A 81 -0.84 14.06 19.98
CA ASP A 81 -0.55 12.66 20.26
C ASP A 81 -1.80 11.79 20.31
N ASN A 82 -2.92 12.37 20.76
CA ASN A 82 -4.18 11.62 20.75
C ASN A 82 -4.59 11.24 19.33
N GLU A 83 -4.43 12.16 18.39
CA GLU A 83 -4.77 11.91 17.00
C GLU A 83 -3.87 10.84 16.41
N LYS A 84 -2.58 10.95 16.69
CA LYS A 84 -1.60 10.00 16.18
C LYS A 84 -1.83 8.61 16.74
N ASP A 85 -2.14 8.54 18.04
CA ASP A 85 -2.46 7.27 18.67
C ASP A 85 -3.68 6.65 17.99
N ASN A 86 -4.68 7.50 17.72
CA ASN A 86 -5.91 7.06 17.07
C ASN A 86 -5.64 6.61 15.64
N TYR A 87 -4.85 7.39 14.92
CA TYR A 87 -4.46 7.07 13.56
C TYR A 87 -3.78 5.71 13.55
N LEU A 88 -2.84 5.52 14.47
CA LEU A 88 -2.09 4.28 14.56
C LEU A 88 -3.01 3.09 14.81
N LYS A 89 -3.91 3.22 15.77
CA LYS A 89 -4.82 2.13 16.11
C LYS A 89 -5.84 1.86 15.00
N GLY A 90 -6.17 2.89 14.22
CA GLY A 90 -7.09 2.72 13.11
C GLY A 90 -6.45 1.89 12.01
N VAL A 91 -5.25 2.29 11.62
CA VAL A 91 -4.49 1.59 10.59
C VAL A 91 -4.30 0.12 10.98
N THR A 92 -3.93 -0.10 12.23
CA THR A 92 -3.77 -1.44 12.77
C THR A 92 -5.03 -2.28 12.58
N LYS A 93 -6.16 -1.74 12.99
CA LYS A 93 -7.44 -2.42 12.87
C LYS A 93 -7.71 -2.85 11.43
N LEU A 94 -7.42 -1.97 10.49
CA LEU A 94 -7.73 -2.24 9.08
C LEU A 94 -6.83 -3.36 8.54
N PHE A 95 -5.58 -3.39 8.99
CA PHE A 95 -4.69 -4.49 8.62
C PHE A 95 -5.24 -5.81 9.12
N GLU A 96 -5.72 -5.82 10.36
CA GLU A 96 -6.27 -7.04 10.92
C GLU A 96 -7.53 -7.46 10.15
N ARG A 97 -8.33 -6.46 9.79
CA ARG A 97 -9.57 -6.70 9.05
C ARG A 97 -9.28 -7.28 7.68
N ILE A 98 -8.26 -6.74 7.02
CA ILE A 98 -7.84 -7.23 5.71
C ILE A 98 -7.26 -8.63 5.83
N TYR A 99 -6.40 -8.82 6.84
CA TYR A 99 -5.74 -10.11 7.08
C TYR A 99 -6.72 -11.22 7.44
N SER A 100 -7.83 -10.85 8.07
CA SER A 100 -8.81 -11.82 8.51
C SER A 100 -9.52 -12.48 7.32
N THR A 101 -9.31 -11.97 6.12
CA THR A 101 -9.85 -12.60 4.92
C THR A 101 -8.77 -13.41 4.21
N ASP A 102 -9.18 -14.51 3.58
CA ASP A 102 -8.24 -15.34 2.84
C ASP A 102 -7.53 -14.54 1.77
N LEU A 103 -8.28 -13.71 1.06
CA LEU A 103 -7.71 -12.86 0.02
C LEU A 103 -6.68 -11.92 0.63
N GLY A 104 -7.06 -11.24 1.72
CA GLY A 104 -6.18 -10.29 2.40
C GLY A 104 -4.95 -10.94 3.00
N ARG A 105 -5.15 -12.10 3.62
CA ARG A 105 -4.03 -12.89 4.13
C ARG A 105 -2.97 -13.12 3.04
N MET A 106 -3.41 -13.47 1.83
CA MET A 106 -2.50 -13.72 0.72
C MET A 106 -1.81 -12.45 0.22
N LEU A 107 -2.61 -11.42 -0.04
CA LEU A 107 -2.05 -10.14 -0.47
C LEU A 107 -0.99 -9.65 0.51
N LEU A 108 -1.29 -9.71 1.80
CA LEU A 108 -0.35 -9.22 2.80
C LEU A 108 0.93 -10.04 2.82
N THR A 109 0.79 -11.34 2.53
CA THR A 109 1.93 -12.25 2.49
C THR A 109 2.80 -11.98 1.27
N SER A 110 2.16 -11.73 0.13
CA SER A 110 2.87 -11.39 -1.08
C SER A 110 3.65 -10.09 -0.87
N ILE A 111 3.07 -9.19 -0.10
CA ILE A 111 3.67 -7.89 0.19
C ILE A 111 4.91 -8.02 1.08
N VAL A 112 4.80 -8.80 2.13
CA VAL A 112 5.94 -9.03 3.00
C VAL A 112 7.07 -9.71 2.23
N ARG A 113 6.69 -10.63 1.33
CA ARG A 113 7.69 -11.36 0.56
C ARG A 113 8.30 -10.50 -0.52
N GLY A 114 7.61 -9.42 -0.86
CA GLY A 114 7.96 -8.62 -2.02
C GLY A 114 9.09 -7.64 -1.80
N ILE A 115 10.17 -8.12 -1.19
CA ILE A 115 11.35 -7.29 -0.94
C ILE A 115 11.91 -6.70 -2.23
N PRO A 116 12.10 -5.37 -2.25
CA PRO A 116 12.68 -4.72 -3.42
C PRO A 116 14.03 -5.30 -3.76
N PHE A 117 14.24 -5.60 -5.04
CA PHE A 117 15.47 -6.25 -5.47
C PHE A 117 16.71 -5.45 -5.11
N TRP A 118 17.80 -6.15 -4.85
CA TRP A 118 19.07 -5.52 -4.53
C TRP A 118 19.86 -5.24 -5.79
N GLY A 119 19.38 -4.29 -6.58
CA GLY A 119 20.01 -3.98 -7.85
C GLY A 119 20.65 -2.61 -7.87
N GLY A 120 21.12 -2.15 -6.71
CA GLY A 120 21.70 -0.83 -6.61
C GLY A 120 23.21 -0.74 -6.77
N SER A 121 23.80 -1.72 -7.45
CA SER A 121 25.26 -1.74 -7.62
C SER A 121 25.71 -1.49 -9.06
N THR A 122 26.90 -0.91 -9.19
CA THR A 122 27.50 -0.63 -10.48
C THR A 122 28.11 -1.90 -11.09
N ILE A 123 28.72 -2.71 -10.24
CA ILE A 123 29.23 -4.02 -10.64
C ILE A 123 28.05 -4.97 -10.76
N ASP A 124 27.97 -5.70 -11.87
CA ASP A 124 26.80 -6.56 -12.11
C ASP A 124 26.88 -7.89 -11.36
N THR A 125 28.04 -8.18 -10.77
CA THR A 125 28.21 -9.38 -9.97
C THR A 125 28.08 -9.07 -8.48
N GLU A 126 27.73 -7.83 -8.17
CA GLU A 126 27.57 -7.42 -6.79
C GLU A 126 26.11 -7.11 -6.47
N LEU A 127 25.62 -7.70 -5.38
CA LEU A 127 24.28 -7.41 -4.90
C LEU A 127 24.36 -6.32 -3.85
N LYS A 128 23.72 -5.19 -4.13
CA LYS A 128 23.70 -4.06 -3.21
C LYS A 128 22.28 -3.53 -3.09
N VAL A 129 21.86 -3.28 -1.86
CA VAL A 129 20.55 -2.70 -1.60
C VAL A 129 20.54 -1.27 -2.09
N ILE A 130 19.39 -0.83 -2.61
CA ILE A 130 19.19 0.57 -2.95
C ILE A 130 18.75 1.33 -1.70
N ASP A 131 19.45 2.41 -1.39
CA ASP A 131 19.25 3.13 -0.13
C ASP A 131 17.83 3.68 0.05
N THR A 132 17.19 4.06 -1.05
CA THR A 132 15.83 4.60 -0.99
C THR A 132 14.80 3.52 -0.66
N ASN A 133 15.27 2.28 -0.51
CA ASN A 133 14.42 1.18 -0.07
C ASN A 133 14.63 0.85 1.40
N CYS A 134 15.31 1.74 2.11
CA CYS A 134 15.53 1.59 3.54
C CYS A 134 15.09 2.84 4.27
N ILE A 135 15.01 2.74 5.59
CA ILE A 135 14.90 3.92 6.43
C ILE A 135 16.07 3.92 7.39
N ASN A 136 16.45 5.11 7.85
CA ASN A 136 17.47 5.21 8.87
C ASN A 136 16.82 5.21 10.25
N VAL A 137 17.18 4.22 11.05
CA VAL A 137 16.63 4.04 12.38
C VAL A 137 17.62 4.50 13.44
N ILE A 138 17.16 5.37 14.33
CA ILE A 138 18.02 5.94 15.36
C ILE A 138 18.36 4.91 16.42
N GLN A 139 19.64 4.86 16.77
CA GLN A 139 20.13 3.95 17.80
C GLN A 139 20.51 4.72 19.07
N PRO A 140 20.73 4.00 20.18
CA PRO A 140 20.97 4.61 21.49
C PRO A 140 22.06 5.70 21.54
N ASP A 141 23.06 5.62 20.65
CA ASP A 141 24.16 6.57 20.68
C ASP A 141 23.91 7.74 19.74
N GLY A 142 22.73 7.76 19.12
CA GLY A 142 22.41 8.78 18.16
C GLY A 142 22.93 8.45 16.79
N SER A 143 23.50 7.25 16.63
CA SER A 143 23.89 6.76 15.33
C SER A 143 22.67 6.13 14.64
N TYR A 144 22.66 6.12 13.32
CA TYR A 144 21.57 5.51 12.58
C TYR A 144 21.97 4.15 12.03
N ARG A 145 21.01 3.24 11.93
CA ARG A 145 21.22 2.00 11.19
C ARG A 145 20.20 1.95 10.05
N SER A 146 20.67 1.55 8.87
CA SER A 146 19.77 1.42 7.72
C SER A 146 19.01 0.12 7.81
N GLU A 147 17.71 0.19 7.57
CA GLU A 147 16.86 -0.99 7.65
C GLU A 147 15.96 -1.12 6.42
N GLU A 148 15.96 -2.31 5.84
CA GLU A 148 15.08 -2.62 4.71
C GLU A 148 13.63 -2.64 5.18
N LEU A 149 12.74 -2.12 4.35
CA LEU A 149 11.32 -2.26 4.58
C LEU A 149 10.61 -2.28 3.23
N ASN A 150 9.39 -2.82 3.21
CA ASN A 150 8.64 -2.94 1.97
C ASN A 150 7.55 -1.89 1.87
N LEU A 151 6.98 -1.53 3.02
CA LEU A 151 5.77 -0.75 3.04
C LEU A 151 5.70 0.18 4.25
N VAL A 152 5.40 1.45 4.00
CA VAL A 152 5.16 2.42 5.05
C VAL A 152 3.76 3.01 4.91
N ILE A 153 2.98 2.97 5.98
CA ILE A 153 1.72 3.67 6.00
C ILE A 153 1.91 5.04 6.68
N ILE A 154 1.60 6.10 5.95
CA ILE A 154 1.85 7.45 6.44
C ILE A 154 0.65 8.37 6.28
N GLY A 155 0.55 9.35 7.17
CA GLY A 155 -0.51 10.34 7.09
C GLY A 155 -0.42 11.11 5.78
N PRO A 156 -1.57 11.61 5.31
CA PRO A 156 -1.63 12.33 4.04
C PRO A 156 -0.89 13.66 4.12
N SER A 157 -0.58 14.25 2.97
CA SER A 157 0.01 15.58 2.92
C SER A 157 -1.12 16.61 3.09
N ALA A 158 -0.94 17.78 2.47
CA ALA A 158 -1.93 18.87 2.57
C ALA A 158 -3.37 18.40 2.33
N ASP A 159 -3.59 17.75 1.19
CA ASP A 159 -4.91 17.19 0.88
C ASP A 159 -5.11 15.86 1.61
N ILE A 160 -5.95 15.90 2.64
CA ILE A 160 -6.13 14.75 3.52
C ILE A 160 -6.64 13.48 2.83
N ILE A 161 -7.38 13.63 1.74
CA ILE A 161 -7.99 12.48 1.09
C ILE A 161 -7.35 12.15 -0.25
N GLN A 162 -6.15 12.69 -0.48
CA GLN A 162 -5.37 12.30 -1.63
C GLN A 162 -4.58 11.02 -1.27
N PHE A 163 -5.29 9.91 -1.09
CA PHE A 163 -4.67 8.62 -0.84
C PHE A 163 -3.90 8.14 -2.08
N GLU A 164 -2.71 7.57 -1.88
CA GLU A 164 -1.91 7.12 -3.01
C GLU A 164 -0.63 6.42 -2.60
N CYS A 165 -0.08 5.61 -3.50
CA CYS A 165 1.21 4.98 -3.31
C CYS A 165 2.32 5.83 -3.90
N LYS A 166 3.31 6.15 -3.10
CA LYS A 166 4.48 6.87 -3.57
C LYS A 166 5.73 6.09 -3.24
N SER A 167 6.75 6.21 -4.09
CA SER A 167 8.04 5.59 -3.83
C SER A 167 9.15 6.44 -4.43
N PHE A 168 10.33 6.35 -3.83
CA PHE A 168 11.49 7.09 -4.32
C PHE A 168 12.04 6.48 -5.60
N GLY A 169 12.47 7.37 -6.51
CA GLY A 169 12.95 6.93 -7.80
C GLY A 169 14.44 6.65 -7.85
N HIS A 170 14.92 6.36 -9.04
CA HIS A 170 16.33 6.04 -9.24
C HIS A 170 16.85 6.81 -10.44
N GLU A 171 18.09 7.29 -10.33
CA GLU A 171 18.70 8.05 -11.42
C GLU A 171 18.62 7.31 -12.75
N VAL A 172 18.75 5.99 -12.72
CA VAL A 172 18.87 5.22 -13.95
C VAL A 172 18.08 3.91 -13.96
N LEU A 173 17.12 3.78 -13.05
CA LEU A 173 16.29 2.58 -12.99
C LEU A 173 14.81 2.90 -12.72
N ASN A 174 13.93 2.21 -13.44
CA ASN A 174 12.49 2.34 -13.22
C ASN A 174 11.99 1.24 -12.29
N LEU A 175 12.28 1.40 -11.01
CA LEU A 175 12.08 0.34 -10.02
C LEU A 175 10.68 -0.29 -10.00
N THR A 176 9.66 0.53 -10.21
CA THR A 176 8.28 0.03 -10.14
C THR A 176 7.87 -0.71 -11.41
N ARG A 177 8.71 -0.68 -12.43
CA ARG A 177 8.34 -1.19 -13.75
C ARG A 177 9.34 -2.16 -14.39
N ASN A 178 10.42 -2.48 -13.69
CA ASN A 178 11.46 -3.33 -14.25
C ASN A 178 11.61 -4.67 -13.53
N GLY A 179 10.66 -4.96 -12.64
CA GLY A 179 10.67 -6.21 -11.90
C GLY A 179 11.43 -6.14 -10.58
N TYR A 180 12.11 -5.02 -10.33
CA TYR A 180 12.87 -4.84 -9.08
C TYR A 180 11.96 -4.52 -7.90
N GLY A 181 11.05 -3.59 -8.10
CA GLY A 181 10.23 -3.09 -7.02
C GLY A 181 10.97 -2.06 -6.17
N SER A 182 10.22 -1.28 -5.40
CA SER A 182 10.80 -0.32 -4.47
C SER A 182 9.88 -0.16 -3.26
N THR A 183 10.43 0.39 -2.18
CA THR A 183 9.67 0.58 -0.94
C THR A 183 8.50 1.52 -1.18
N GLN A 184 7.31 1.10 -0.78
CA GLN A 184 6.10 1.86 -1.06
C GLN A 184 5.61 2.64 0.15
N TYR A 185 5.39 3.94 -0.07
CA TYR A 185 4.84 4.81 0.95
C TYR A 185 3.39 5.12 0.61
N ILE A 186 2.48 4.68 1.47
CA ILE A 186 1.06 4.89 1.24
C ILE A 186 0.50 6.01 2.09
N ARG A 187 0.21 7.14 1.46
CA ARG A 187 -0.53 8.21 2.10
C ARG A 187 -1.96 7.75 2.29
N PHE A 188 -2.42 7.73 3.53
CA PHE A 188 -3.73 7.17 3.82
C PHE A 188 -4.21 7.61 5.21
N SER A 189 -5.52 7.73 5.38
CA SER A 189 -6.08 8.04 6.69
C SER A 189 -7.26 7.13 7.03
N PRO A 190 -7.23 6.56 8.24
CA PRO A 190 -8.35 5.76 8.78
C PRO A 190 -9.48 6.62 9.34
N ASP A 191 -9.31 7.95 9.32
CA ASP A 191 -10.25 8.82 10.01
C ASP A 191 -11.24 9.52 9.07
N PHE A 192 -11.12 9.23 7.78
CA PHE A 192 -12.04 9.75 6.78
C PHE A 192 -12.44 8.66 5.80
N THR A 193 -13.64 8.76 5.24
CA THR A 193 -14.02 7.90 4.13
C THR A 193 -14.96 8.67 3.21
N PHE A 194 -15.58 7.96 2.27
CA PHE A 194 -16.33 8.63 1.23
C PHE A 194 -17.74 8.07 1.07
N GLY A 195 -18.68 8.95 0.76
CA GLY A 195 -20.00 8.51 0.37
C GLY A 195 -20.01 8.34 -1.14
N PHE A 196 -20.44 7.18 -1.61
CA PHE A 196 -20.44 6.89 -3.04
C PHE A 196 -21.85 6.75 -3.58
N GLU A 197 -21.95 6.78 -4.91
CA GLU A 197 -23.24 6.73 -5.61
C GLU A 197 -23.91 5.37 -5.47
N GLU A 198 -25.12 5.36 -4.91
CA GLU A 198 -25.79 6.59 -4.50
C GLU A 198 -26.25 6.51 -3.05
N GLY A 211 -24.32 11.37 -1.27
CA GLY A 211 -23.77 10.03 -1.31
C GLY A 211 -24.05 9.28 -0.01
N LYS A 212 -25.22 8.66 0.05
CA LYS A 212 -25.71 8.06 1.29
C LYS A 212 -24.78 7.00 1.90
N PHE A 213 -24.25 6.10 1.07
CA PHE A 213 -23.48 4.98 1.60
C PHE A 213 -21.98 5.22 1.61
N ALA A 214 -21.37 4.94 2.76
CA ALA A 214 -19.95 5.20 2.96
C ALA A 214 -19.09 4.00 2.60
N THR A 215 -17.99 4.26 1.91
CA THR A 215 -17.00 3.26 1.57
C THR A 215 -16.35 2.72 2.83
N ASP A 216 -16.23 1.39 2.93
CA ASP A 216 -15.51 0.79 4.05
C ASP A 216 -14.02 1.10 3.90
N PRO A 217 -13.43 1.71 4.94
CA PRO A 217 -12.03 2.15 4.87
C PRO A 217 -11.09 0.98 4.61
N ALA A 218 -11.54 -0.23 4.94
CA ALA A 218 -10.71 -1.41 4.72
C ALA A 218 -10.56 -1.65 3.23
N VAL A 219 -11.60 -1.33 2.47
CA VAL A 219 -11.55 -1.49 1.02
C VAL A 219 -10.61 -0.46 0.43
N THR A 220 -10.65 0.76 0.96
CA THR A 220 -9.83 1.85 0.44
C THR A 220 -8.34 1.58 0.68
N LEU A 221 -8.01 0.98 1.82
CA LEU A 221 -6.63 0.64 2.13
C LEU A 221 -6.16 -0.50 1.22
N ALA A 222 -7.04 -1.49 1.02
CA ALA A 222 -6.72 -2.65 0.21
C ALA A 222 -6.40 -2.20 -1.20
N HIS A 223 -7.23 -1.31 -1.73
CA HIS A 223 -6.99 -0.70 -3.02
C HIS A 223 -5.53 -0.26 -3.09
N GLU A 224 -5.08 0.53 -2.11
CA GLU A 224 -3.70 1.01 -2.10
C GLU A 224 -2.68 -0.11 -1.94
N LEU A 225 -3.02 -1.10 -1.12
CA LEU A 225 -2.16 -2.25 -0.93
C LEU A 225 -1.95 -3.02 -2.23
N ILE A 226 -2.98 -3.02 -3.08
CA ILE A 226 -2.88 -3.68 -4.37
C ILE A 226 -1.93 -2.92 -5.31
N HIS A 227 -2.01 -1.60 -5.30
CA HIS A 227 -1.05 -0.82 -6.06
C HIS A 227 0.34 -1.16 -5.56
N ALA A 228 0.50 -1.13 -4.24
CA ALA A 228 1.80 -1.40 -3.63
C ALA A 228 2.30 -2.79 -4.02
N GLY A 229 1.39 -3.76 -4.04
CA GLY A 229 1.71 -5.09 -4.52
C GLY A 229 2.37 -5.01 -5.89
N HIS A 230 1.72 -4.33 -6.83
CA HIS A 230 2.24 -4.20 -8.18
C HIS A 230 3.62 -3.59 -8.19
N ARG A 231 3.78 -2.52 -7.42
CA ARG A 231 5.00 -1.73 -7.40
C ARG A 231 6.14 -2.47 -6.71
N LEU A 232 5.80 -3.29 -5.73
CA LEU A 232 6.81 -4.03 -4.98
C LEU A 232 7.41 -5.14 -5.84
N TYR A 233 6.67 -5.57 -6.85
CA TYR A 233 7.16 -6.61 -7.76
C TYR A 233 7.62 -6.06 -9.09
N GLY A 234 7.66 -4.72 -9.20
CA GLY A 234 8.16 -4.06 -10.39
C GLY A 234 7.31 -4.31 -11.61
N ILE A 235 6.01 -4.52 -11.41
CA ILE A 235 5.12 -4.83 -12.52
C ILE A 235 4.01 -3.79 -12.66
N ALA A 236 4.20 -2.65 -12.01
CA ALA A 236 3.27 -1.55 -12.15
C ALA A 236 3.27 -1.11 -13.60
N ILE A 237 2.15 -0.54 -14.04
CA ILE A 237 2.02 -0.08 -15.41
C ILE A 237 2.08 1.43 -15.46
N ASN A 238 2.91 1.96 -16.36
CA ASN A 238 3.05 3.40 -16.55
C ASN A 238 1.70 4.11 -16.56
N PRO A 239 1.54 5.13 -15.72
CA PRO A 239 0.29 5.89 -15.60
C PRO A 239 -0.08 6.58 -16.92
N ASN A 240 0.89 6.68 -17.83
CA ASN A 240 0.64 7.26 -19.14
C ASN A 240 -0.12 6.30 -20.04
N ARG A 241 -0.14 5.03 -19.66
CA ARG A 241 -0.91 4.01 -20.38
C ARG A 241 -2.37 4.08 -19.93
N VAL A 242 -3.21 4.63 -20.79
CA VAL A 242 -4.61 4.83 -20.45
C VAL A 242 -5.55 4.11 -21.40
N PHE A 243 -6.81 4.02 -21.00
CA PHE A 243 -7.85 3.46 -21.85
C PHE A 243 -9.05 4.38 -21.85
N LYS A 244 -9.59 4.66 -23.03
CA LYS A 244 -10.80 5.45 -23.16
C LYS A 244 -11.97 4.63 -22.61
N VAL A 245 -12.78 5.26 -21.76
CA VAL A 245 -13.81 4.53 -21.04
C VAL A 245 -15.22 5.15 -21.18
N ASN A 246 -15.30 6.48 -21.17
CA ASN A 246 -16.59 7.17 -21.25
C ASN A 246 -17.61 6.65 -20.25
N LEU A 256 -13.59 9.27 -21.68
CA LEU A 256 -12.75 9.57 -20.52
C LEU A 256 -11.56 8.61 -20.49
N GLU A 257 -10.42 9.09 -20.04
CA GLU A 257 -9.22 8.26 -20.03
C GLU A 257 -8.76 7.88 -18.62
N VAL A 258 -8.66 6.58 -18.40
CA VAL A 258 -8.25 6.04 -17.11
C VAL A 258 -7.02 5.16 -17.32
N SER A 259 -6.11 5.18 -16.35
CA SER A 259 -4.88 4.40 -16.48
C SER A 259 -5.14 2.90 -16.37
N PHE A 260 -4.44 2.14 -17.21
CA PHE A 260 -4.43 0.68 -17.17
C PHE A 260 -4.30 0.20 -15.72
N GLU A 261 -3.34 0.79 -15.00
CA GLU A 261 -3.05 0.43 -13.62
C GLU A 261 -4.26 0.48 -12.67
N GLU A 262 -5.08 1.53 -12.78
CA GLU A 262 -6.25 1.66 -11.90
C GLU A 262 -7.37 0.70 -12.28
N LEU A 263 -7.68 0.62 -13.57
CA LEU A 263 -8.73 -0.27 -14.02
C LEU A 263 -8.48 -1.69 -13.55
N ARG A 264 -7.23 -2.13 -13.62
CA ARG A 264 -6.92 -3.50 -13.24
C ARG A 264 -6.86 -3.63 -11.73
N THR A 265 -6.51 -2.55 -11.05
CA THR A 265 -6.49 -2.55 -9.60
C THR A 265 -7.92 -2.73 -9.06
N PHE A 266 -8.88 -2.08 -9.69
CA PHE A 266 -10.28 -2.25 -9.29
C PHE A 266 -10.83 -3.60 -9.75
N GLY A 267 -10.56 -3.96 -10.99
CA GLY A 267 -10.95 -5.26 -11.52
C GLY A 267 -12.44 -5.38 -11.81
N GLY A 268 -13.03 -6.49 -11.40
CA GLY A 268 -14.45 -6.71 -11.58
C GLY A 268 -14.97 -6.24 -12.92
N HIS A 269 -16.07 -5.50 -12.87
CA HIS A 269 -16.70 -4.93 -14.06
C HIS A 269 -15.72 -4.22 -15.00
N ASP A 270 -14.75 -3.52 -14.41
CA ASP A 270 -13.84 -2.67 -15.18
C ASP A 270 -12.88 -3.44 -16.07
N ALA A 271 -12.71 -4.74 -15.82
CA ALA A 271 -11.82 -5.56 -16.62
C ALA A 271 -12.15 -5.44 -18.10
N LYS A 272 -13.42 -5.22 -18.40
CA LYS A 272 -13.90 -5.13 -19.77
C LYS A 272 -13.17 -4.05 -20.56
N PHE A 273 -12.67 -3.02 -19.86
CA PHE A 273 -12.06 -1.88 -20.53
C PHE A 273 -10.60 -2.12 -20.88
N ILE A 274 -10.06 -3.25 -20.45
CA ILE A 274 -8.66 -3.56 -20.64
C ILE A 274 -8.39 -4.42 -21.87
N ASP A 275 -7.60 -3.87 -22.80
CA ASP A 275 -7.17 -4.59 -23.99
C ASP A 275 -6.35 -5.83 -23.62
N SER A 276 -6.89 -7.00 -23.90
CA SER A 276 -6.24 -8.27 -23.57
C SER A 276 -4.89 -8.46 -24.26
N LEU A 277 -4.72 -7.87 -25.43
CA LEU A 277 -3.47 -8.02 -26.16
C LEU A 277 -2.34 -7.31 -25.42
N GLN A 278 -2.59 -6.07 -25.01
CA GLN A 278 -1.63 -5.34 -24.19
C GLN A 278 -1.42 -6.09 -22.88
N GLU A 279 -2.51 -6.61 -22.33
CA GLU A 279 -2.44 -7.36 -21.08
C GLU A 279 -1.43 -8.49 -21.23
N ASN A 280 -1.47 -9.16 -22.37
CA ASN A 280 -0.57 -10.29 -22.59
C ASN A 280 0.84 -9.85 -22.94
N GLU A 281 0.98 -8.70 -23.59
CA GLU A 281 2.29 -8.18 -23.92
C GLU A 281 3.07 -7.80 -22.67
N PHE A 282 2.38 -7.25 -21.67
CA PHE A 282 3.01 -6.93 -20.39
C PHE A 282 3.43 -8.18 -19.65
N ARG A 283 2.60 -9.22 -19.72
CA ARG A 283 2.88 -10.46 -19.03
C ARG A 283 4.17 -11.10 -19.54
N LEU A 284 4.29 -11.22 -20.85
CA LEU A 284 5.51 -11.74 -21.43
C LEU A 284 6.68 -10.83 -21.07
N TYR A 285 6.45 -9.53 -21.19
CA TYR A 285 7.45 -8.53 -20.82
C TYR A 285 8.05 -8.82 -19.44
N TYR A 286 7.19 -8.94 -18.43
CA TYR A 286 7.65 -9.09 -17.05
C TYR A 286 8.21 -10.47 -16.74
N TYR A 287 7.78 -11.48 -17.50
CA TYR A 287 8.41 -12.78 -17.40
C TYR A 287 9.90 -12.65 -17.75
N ASN A 288 10.19 -11.88 -18.78
CA ASN A 288 11.59 -11.62 -19.18
C ASN A 288 12.36 -10.90 -18.10
N LYS A 289 11.75 -9.87 -17.52
CA LYS A 289 12.39 -9.10 -16.46
C LYS A 289 12.76 -9.99 -15.28
N PHE A 290 11.93 -11.00 -15.02
CA PHE A 290 12.20 -11.96 -13.95
C PHE A 290 13.37 -12.85 -14.34
N LYS A 291 13.48 -13.15 -15.63
CA LYS A 291 14.65 -13.86 -16.15
C LYS A 291 15.91 -13.05 -15.89
N ASP A 292 15.86 -11.75 -16.18
CA ASP A 292 16.98 -10.87 -15.93
C ASP A 292 17.42 -11.00 -14.47
N ILE A 293 16.44 -10.97 -13.57
CA ILE A 293 16.71 -11.04 -12.15
C ILE A 293 17.29 -12.39 -11.77
N ALA A 294 16.73 -13.44 -12.35
CA ALA A 294 17.26 -14.79 -12.13
C ALA A 294 18.70 -14.84 -12.61
N SER A 295 18.91 -14.36 -13.82
CA SER A 295 20.23 -14.34 -14.45
C SER A 295 21.23 -13.55 -13.61
N THR A 296 20.77 -12.43 -13.03
CA THR A 296 21.63 -11.61 -12.20
C THR A 296 22.02 -12.36 -10.95
N LEU A 297 21.05 -13.06 -10.36
CA LEU A 297 21.29 -13.87 -9.16
C LEU A 297 22.34 -14.93 -9.43
N ASN A 298 22.31 -15.48 -10.63
CA ASN A 298 23.25 -16.51 -11.03
C ASN A 298 24.66 -15.95 -11.18
N LYS A 299 24.76 -14.70 -11.59
CA LYS A 299 26.06 -14.07 -11.81
C LYS A 299 26.63 -13.43 -10.55
N ALA A 300 25.86 -13.44 -9.47
CA ALA A 300 26.25 -12.72 -8.26
C ALA A 300 27.44 -13.37 -7.55
N LYS A 301 28.41 -12.56 -7.16
CA LYS A 301 29.61 -13.08 -6.51
C LYS A 301 29.88 -12.40 -5.17
N SER A 302 29.31 -11.20 -4.98
CA SER A 302 29.48 -10.49 -3.72
C SER A 302 28.23 -9.74 -3.32
N ILE A 303 28.19 -9.30 -2.06
CA ILE A 303 27.04 -8.61 -1.51
C ILE A 303 27.50 -7.52 -0.55
N VAL A 304 26.67 -6.49 -0.38
CA VAL A 304 26.96 -5.42 0.59
C VAL A 304 25.98 -5.49 1.78
N GLY A 305 26.47 -5.30 2.98
CA GLY A 305 25.61 -5.45 4.13
C GLY A 305 26.18 -6.49 5.04
N THR A 306 25.40 -7.07 5.95
CA THR A 306 25.95 -7.99 6.97
C THR A 306 25.82 -9.56 6.85
N ALA A 308 25.12 -12.62 6.64
CA ALA A 308 24.06 -13.08 5.75
C ALA A 308 23.58 -11.92 4.88
N SER A 309 23.92 -12.00 3.62
CA SER A 309 24.47 -13.23 3.09
C SER A 309 23.99 -13.36 1.69
N LEU A 310 24.88 -13.62 0.78
CA LEU A 310 24.50 -13.69 -0.63
C LEU A 310 23.55 -14.86 -0.87
N GLN A 311 23.87 -16.00 -0.28
CA GLN A 311 23.08 -17.21 -0.45
C GLN A 311 21.68 -16.99 0.12
N TYR A 312 21.62 -16.33 1.27
CA TYR A 312 20.34 -16.02 1.93
C TYR A 312 19.50 -15.03 1.13
N MET A 313 20.15 -14.06 0.50
CA MET A 313 19.42 -13.09 -0.31
C MET A 313 18.90 -13.74 -1.59
N LYS A 314 19.66 -14.69 -2.12
CA LYS A 314 19.23 -15.46 -3.28
C LYS A 314 17.97 -16.23 -2.94
N ASN A 315 17.94 -16.86 -1.77
CA ASN A 315 16.76 -17.59 -1.35
C ASN A 315 15.59 -16.63 -1.18
N VAL A 316 15.84 -15.50 -0.53
CA VAL A 316 14.82 -14.47 -0.39
C VAL A 316 14.17 -14.14 -1.73
N PHE A 317 15.00 -13.88 -2.73
CA PHE A 317 14.48 -13.50 -4.04
C PHE A 317 13.92 -14.69 -4.82
N LYS A 318 14.47 -15.88 -4.56
CA LYS A 318 13.90 -17.09 -5.12
C LYS A 318 12.44 -17.18 -4.74
N GLU A 319 12.16 -16.90 -3.47
CA GLU A 319 10.80 -16.97 -2.95
C GLU A 319 9.93 -15.84 -3.47
N LYS A 320 10.49 -14.64 -3.55
CA LYS A 320 9.72 -13.50 -4.04
C LYS A 320 9.20 -13.76 -5.45
N TYR A 321 10.12 -14.09 -6.36
CA TYR A 321 9.76 -14.28 -7.76
C TYR A 321 9.41 -15.73 -8.08
N LEU A 322 9.31 -16.56 -7.05
CA LEU A 322 9.00 -17.98 -7.21
C LEU A 322 9.89 -18.62 -8.26
N LEU A 323 11.20 -18.41 -8.15
CA LEU A 323 12.15 -19.00 -9.09
C LEU A 323 12.38 -20.47 -8.78
N SER A 324 12.71 -21.24 -9.80
CA SER A 324 13.08 -22.63 -9.61
C SER A 324 14.60 -22.76 -9.53
N GLU A 325 15.05 -23.61 -8.62
CA GLU A 325 16.48 -23.78 -8.35
C GLU A 325 16.90 -25.20 -8.73
N ASP A 326 17.92 -25.31 -9.58
CA ASP A 326 18.40 -26.63 -10.00
C ASP A 326 19.45 -27.18 -9.03
N THR A 327 19.93 -28.39 -9.31
CA THR A 327 20.88 -29.07 -8.43
C THR A 327 22.19 -28.30 -8.30
N SER A 328 22.61 -27.65 -9.39
CA SER A 328 23.79 -26.80 -9.35
C SER A 328 23.50 -25.46 -8.69
N GLY A 329 22.30 -25.31 -8.14
CA GLY A 329 21.93 -24.10 -7.43
C GLY A 329 21.60 -22.91 -8.30
N LYS A 330 21.66 -23.11 -9.61
CA LYS A 330 21.38 -22.07 -10.59
C LYS A 330 19.87 -21.80 -10.67
N PHE A 331 19.49 -20.54 -10.84
CA PHE A 331 18.07 -20.18 -10.85
C PHE A 331 17.51 -19.96 -12.25
N SER A 332 16.24 -20.31 -12.41
CA SER A 332 15.51 -20.01 -13.63
C SER A 332 14.04 -19.78 -13.30
N VAL A 333 13.33 -19.12 -14.21
CA VAL A 333 11.91 -18.86 -14.04
C VAL A 333 11.05 -20.04 -14.47
N ASP A 334 10.19 -20.50 -13.57
CA ASP A 334 9.24 -21.57 -13.88
C ASP A 334 7.93 -20.97 -14.41
N LYS A 335 7.61 -21.28 -15.66
CA LYS A 335 6.45 -20.70 -16.34
C LYS A 335 5.15 -20.83 -15.56
N LEU A 336 4.91 -22.01 -14.99
CA LEU A 336 3.70 -22.23 -14.22
C LEU A 336 3.69 -21.30 -13.00
N LYS A 337 4.73 -21.41 -12.18
CA LYS A 337 4.83 -20.59 -10.97
C LYS A 337 4.74 -19.10 -11.28
N PHE A 338 5.28 -18.70 -12.43
CA PHE A 338 5.21 -17.30 -12.82
C PHE A 338 3.77 -16.88 -13.16
N ASP A 339 3.09 -17.70 -13.95
CA ASP A 339 1.72 -17.40 -14.37
C ASP A 339 0.79 -17.27 -13.16
N LYS A 340 0.98 -18.14 -12.17
CA LYS A 340 0.17 -18.10 -10.96
C LYS A 340 0.47 -16.82 -10.17
N LEU A 341 1.74 -16.58 -9.92
CA LEU A 341 2.16 -15.38 -9.21
C LEU A 341 1.63 -14.13 -9.89
N TYR A 342 1.87 -14.03 -11.19
CA TYR A 342 1.47 -12.87 -11.97
C TYR A 342 -0.04 -12.64 -11.93
N LYS A 343 -0.79 -13.71 -12.10
CA LYS A 343 -2.25 -13.63 -12.11
C LYS A 343 -2.76 -13.20 -10.75
N MET A 344 -2.14 -13.76 -9.71
CA MET A 344 -2.50 -13.42 -8.35
C MET A 344 -2.42 -11.91 -8.14
N LEU A 345 -1.31 -11.33 -8.54
CA LEU A 345 -1.04 -9.92 -8.31
C LEU A 345 -1.85 -9.00 -9.20
N THR A 346 -2.18 -9.44 -10.41
CA THR A 346 -2.79 -8.55 -11.38
C THR A 346 -4.30 -8.71 -11.56
N GLU A 347 -4.85 -9.88 -11.24
CA GLU A 347 -6.30 -10.04 -11.38
C GLU A 347 -7.02 -10.86 -10.31
N ILE A 348 -6.28 -11.28 -9.29
CA ILE A 348 -6.91 -11.86 -8.12
C ILE A 348 -6.99 -10.84 -6.98
N TYR A 349 -5.87 -10.17 -6.69
CA TYR A 349 -5.89 -9.06 -5.75
C TYR A 349 -6.50 -7.84 -6.44
N THR A 350 -7.81 -7.68 -6.32
CA THR A 350 -8.49 -6.51 -6.86
C THR A 350 -9.48 -5.97 -5.85
N GLU A 351 -9.84 -4.71 -6.00
CA GLU A 351 -10.79 -4.09 -5.09
C GLU A 351 -12.11 -4.84 -5.15
N ASP A 352 -12.57 -5.12 -6.36
CA ASP A 352 -13.84 -5.83 -6.55
C ASP A 352 -13.86 -7.14 -5.78
N ASN A 353 -12.79 -7.93 -5.90
CA ASN A 353 -12.71 -9.20 -5.18
C ASN A 353 -12.69 -9.02 -3.67
N PHE A 354 -12.01 -7.98 -3.19
CA PHE A 354 -12.01 -7.72 -1.75
C PHE A 354 -13.40 -7.42 -1.26
N VAL A 355 -14.17 -6.68 -2.04
CA VAL A 355 -15.55 -6.35 -1.68
C VAL A 355 -16.33 -7.64 -1.42
N LYS A 356 -16.18 -8.61 -2.32
CA LYS A 356 -16.81 -9.91 -2.18
C LYS A 356 -16.47 -10.55 -0.84
N PHE A 357 -15.18 -10.56 -0.51
CA PHE A 357 -14.73 -11.17 0.74
C PHE A 357 -15.23 -10.43 1.98
N PHE A 358 -15.26 -9.10 1.92
CA PHE A 358 -15.73 -8.29 3.05
C PHE A 358 -17.25 -8.32 3.14
N LYS A 359 -17.90 -8.64 2.03
CA LYS A 359 -19.35 -8.60 1.92
C LYS A 359 -19.90 -7.25 2.41
N VAL A 360 -19.31 -6.18 1.90
CA VAL A 360 -19.78 -4.83 2.21
C VAL A 360 -20.39 -4.21 0.96
N LEU A 361 -20.93 -3.01 1.13
CA LEU A 361 -21.43 -2.24 -0.01
C LEU A 361 -20.30 -1.37 -0.53
N ASN A 362 -20.18 -1.30 -1.85
CA ASN A 362 -19.05 -0.66 -2.50
C ASN A 362 -19.44 -0.26 -3.91
N ARG A 363 -18.76 0.74 -4.47
CA ARG A 363 -18.98 1.09 -5.87
C ARG A 363 -18.71 -0.15 -6.74
N LYS A 364 -19.53 -0.35 -7.76
CA LYS A 364 -19.37 -1.49 -8.66
C LYS A 364 -18.41 -1.20 -9.81
N THR A 365 -17.97 0.06 -9.91
CA THR A 365 -16.97 0.45 -10.90
C THR A 365 -16.02 1.48 -10.31
N TYR A 366 -14.84 1.61 -10.90
CA TYR A 366 -13.88 2.59 -10.48
C TYR A 366 -14.32 3.99 -10.89
N LEU A 367 -15.04 4.06 -12.00
CA LEU A 367 -15.49 5.34 -12.55
C LEU A 367 -16.76 5.78 -11.85
N ASN A 368 -16.66 5.96 -10.54
CA ASN A 368 -17.76 6.37 -9.71
C ASN A 368 -17.29 7.54 -8.87
N PHE A 369 -17.94 8.69 -9.02
CA PHE A 369 -17.57 9.86 -8.25
C PHE A 369 -18.02 9.74 -6.80
N ASP A 370 -17.09 10.02 -5.88
CA ASP A 370 -17.47 10.20 -4.50
C ASP A 370 -18.37 11.43 -4.45
N LYS A 371 -19.44 11.35 -3.67
CA LYS A 371 -20.40 12.42 -3.61
C LYS A 371 -20.31 13.17 -2.29
N ALA A 372 -19.50 12.63 -1.38
CA ALA A 372 -19.32 13.23 -0.07
C ALA A 372 -18.12 12.65 0.66
N VAL A 373 -17.68 13.36 1.70
CA VAL A 373 -16.60 12.88 2.56
C VAL A 373 -17.07 12.95 4.00
N PHE A 374 -16.67 11.97 4.80
CA PHE A 374 -17.11 11.90 6.19
C PHE A 374 -15.93 11.69 7.13
N LYS A 375 -15.95 12.39 8.26
CA LYS A 375 -15.01 12.10 9.34
C LYS A 375 -15.59 10.92 10.10
N ILE A 376 -14.73 9.97 10.45
CA ILE A 376 -15.20 8.77 11.14
C ILE A 376 -14.29 8.46 12.32
N ASN A 377 -14.61 7.38 13.02
CA ASN A 377 -13.77 6.88 14.08
C ASN A 377 -13.99 5.39 14.28
N ILE A 378 -13.11 4.58 13.67
CA ILE A 378 -13.28 3.13 13.65
C ILE A 378 -12.58 2.45 14.82
N VAL A 379 -11.93 3.23 15.67
CA VAL A 379 -11.15 2.66 16.77
C VAL A 379 -12.01 2.00 17.87
N PRO A 380 -13.03 2.73 18.35
CA PRO A 380 -13.93 2.06 19.31
C PRO A 380 -14.57 0.82 18.69
N LYS A 381 -14.55 -0.29 19.41
CA LYS A 381 -15.07 -1.55 18.88
C LYS A 381 -16.59 -1.54 18.74
N VAL A 382 -17.25 -0.56 19.37
CA VAL A 382 -18.68 -0.38 19.19
C VAL A 382 -18.98 0.40 17.90
N ASN A 383 -17.93 0.90 17.26
CA ASN A 383 -18.08 1.63 16.01
C ASN A 383 -17.79 0.79 14.77
N TYR A 384 -16.82 -0.11 14.89
CA TYR A 384 -16.23 -0.76 13.73
C TYR A 384 -15.44 -1.97 14.22
N THR A 385 -15.65 -3.12 13.59
CA THR A 385 -14.92 -4.30 14.00
C THR A 385 -14.11 -4.90 12.87
N ILE A 386 -13.05 -5.60 13.24
CA ILE A 386 -12.22 -6.33 12.31
C ILE A 386 -13.09 -7.20 11.40
N TYR A 387 -14.21 -7.70 11.94
CA TYR A 387 -15.01 -8.68 11.22
C TYR A 387 -16.18 -8.12 10.41
N ASP A 388 -16.82 -7.06 10.90
CA ASP A 388 -18.01 -6.58 10.23
C ASP A 388 -17.85 -5.18 9.67
N GLY A 389 -16.71 -4.56 9.94
CA GLY A 389 -16.54 -3.15 9.62
C GLY A 389 -17.61 -2.34 10.33
N PHE A 390 -18.34 -1.54 9.58
CA PHE A 390 -19.38 -0.68 10.16
C PHE A 390 -20.65 -1.46 10.50
N ASN A 391 -20.89 -2.53 9.77
CA ASN A 391 -22.15 -3.26 9.87
C ASN A 391 -22.15 -4.30 10.98
N LEU A 392 -21.98 -3.83 12.22
CA LEU A 392 -21.81 -4.72 13.36
C LEU A 392 -22.92 -5.75 13.47
N ARG A 393 -22.54 -7.00 13.72
CA ARG A 393 -23.54 -8.02 14.03
C ARG A 393 -24.09 -7.75 15.42
N ASN A 394 -25.24 -8.32 15.74
CA ASN A 394 -25.85 -8.09 17.04
C ASN A 394 -26.09 -6.60 17.29
N THR A 395 -26.42 -5.87 16.25
CA THR A 395 -26.87 -4.49 16.38
C THR A 395 -27.90 -4.19 15.29
N ASN A 396 -28.58 -3.06 15.39
CA ASN A 396 -29.51 -2.64 14.35
C ASN A 396 -28.77 -2.38 13.04
N LEU A 397 -27.45 -2.29 13.11
CA LEU A 397 -26.64 -1.94 11.95
C LEU A 397 -26.28 -3.16 11.13
N ALA A 398 -26.70 -4.33 11.60
CA ALA A 398 -26.30 -5.59 10.99
C ALA A 398 -26.87 -5.82 9.59
N ALA A 399 -28.11 -5.43 9.37
CA ALA A 399 -28.80 -5.76 8.13
C ALA A 399 -28.81 -4.62 7.11
N ASN A 400 -28.80 -5.01 5.83
CA ASN A 400 -28.93 -4.08 4.71
C ASN A 400 -27.84 -3.04 4.63
N PHE A 401 -26.66 -3.35 5.17
CA PHE A 401 -25.55 -2.41 5.21
C PHE A 401 -25.93 -1.14 5.95
N ASN A 402 -26.83 -1.27 6.92
CA ASN A 402 -27.23 -0.14 7.76
C ASN A 402 -26.03 0.60 8.33
N GLY A 403 -24.99 -0.16 8.68
CA GLY A 403 -23.78 0.43 9.23
C GLY A 403 -23.11 1.40 8.28
N GLN A 404 -23.24 1.13 6.98
CA GLN A 404 -22.64 1.97 5.95
C GLN A 404 -23.60 3.07 5.50
N ASN A 405 -24.81 3.05 6.01
CA ASN A 405 -25.80 4.06 5.68
C ASN A 405 -25.61 5.27 6.60
N THR A 406 -25.10 6.36 6.02
CA THR A 406 -24.72 7.51 6.81
C THR A 406 -25.91 8.26 7.40
N GLU A 407 -27.11 7.92 6.94
CA GLU A 407 -28.33 8.50 7.50
C GLU A 407 -28.83 7.65 8.65
N ILE A 408 -28.65 6.33 8.52
CA ILE A 408 -29.06 5.41 9.57
C ILE A 408 -28.05 5.32 10.71
N ASN A 409 -26.77 5.14 10.36
CA ASN A 409 -25.71 5.09 11.36
C ASN A 409 -25.13 6.49 11.54
N ASN A 410 -26.02 7.43 11.84
CA ASN A 410 -25.69 8.85 11.75
C ASN A 410 -24.74 9.41 12.82
N MET A 411 -24.44 8.61 13.84
CA MET A 411 -23.50 9.04 14.88
C MET A 411 -22.08 8.62 14.55
N ASN A 412 -21.90 7.85 13.48
CA ASN A 412 -20.59 7.37 13.07
C ASN A 412 -19.99 8.13 11.89
N PHE A 413 -20.72 9.12 11.39
CA PHE A 413 -20.25 9.88 10.24
C PHE A 413 -20.56 11.36 10.42
N THR A 414 -19.59 12.20 10.09
CA THR A 414 -19.78 13.64 10.07
C THR A 414 -19.45 14.17 8.68
N LYS A 415 -20.48 14.58 7.95
CA LYS A 415 -20.29 15.08 6.60
C LYS A 415 -19.44 16.35 6.62
N LEU A 416 -18.50 16.45 5.69
CA LEU A 416 -17.57 17.57 5.65
C LEU A 416 -17.99 18.67 4.68
N LYS A 417 -17.96 19.92 5.17
CA LYS A 417 -18.18 21.12 4.37
C LYS A 417 -19.08 20.91 3.16
N ARG B 1 -4.74 5.24 -5.80
CA ARG B 1 -5.38 6.54 -5.98
C ARG B 1 -6.88 6.42 -6.24
N ARG B 2 -7.63 7.37 -5.69
CA ARG B 2 -9.06 7.45 -5.91
C ARG B 2 -9.34 7.99 -7.32
N PHE B 3 -10.52 7.67 -7.83
CA PHE B 3 -10.93 8.09 -9.16
C PHE B 3 -10.78 9.60 -9.35
N AIB B 4 -10.93 10.37 -8.27
CA AIB B 4 -10.81 11.81 -8.32
C AIB B 4 -9.49 12.24 -8.97
O AIB B 4 -9.43 13.45 -9.67
CB1 AIB B 4 -11.98 12.41 -9.11
CB2 AIB B 4 -10.85 12.37 -6.90
N ALA B 5 -8.45 11.43 -8.84
CA ALA B 5 -7.12 11.78 -9.33
C ALA B 5 -6.95 11.59 -10.84
N MET B 6 -7.97 11.04 -11.49
CA MET B 6 -7.96 10.91 -12.94
C MET B 6 -8.51 12.17 -13.58
N LEU B 7 -8.96 13.10 -12.73
CA LEU B 7 -9.57 14.35 -13.18
C LEU B 7 -8.83 15.58 -12.68
N ALA B 8 -9.56 16.67 -12.48
ZN ZN C . -5.76 3.76 -7.21
NI NI D . -20.65 -1.45 -17.95
#